data_4APO
#
_entry.id   4APO
#
_cell.length_a   60.200
_cell.length_b   106.820
_cell.length_c   68.470
_cell.angle_alpha   90.00
_cell.angle_beta   100.85
_cell.angle_gamma   90.00
#
_symmetry.space_group_name_H-M   'C 1 2 1'
#
loop_
_entity.id
_entity.type
_entity.pdbx_description
1 polymer 'AH RECEPTOR-INTERACTING PROTEIN'
2 polymer 'MITOCHONDRIAL IMPORT RECEPTOR SUBUNIT TOM20 HOMOLOG'
3 non-polymer 'DODECAETHYLENE GLYCOL'
4 non-polymer 'SULFATE ION'
5 water water
#
loop_
_entity_poly.entity_id
_entity_poly.type
_entity_poly.pdbx_seq_one_letter_code
_entity_poly.pdbx_strand_id
1 'polypeptide(L)'
;DPWAMTAEEKAKAVPLIHQEGNRLYREGHVKEAAAKYYDAIACLKNLQMKEQPGSPEWIQLDQQITPLLLNYCQCKLVVE
EYYEVLDHCSSILNKYDDNVKAYFKRGKAHAAVWNAQEAQADFAKVLELDPALAPVVSRELQALEARIRQKDEEDKARFR
GIFSH
;
A,B
2 'polypeptide(L)' AEDDVE D,E
#
# COMPACT_ATOMS: atom_id res chain seq x y z
N ALA A 7 -5.66 -13.12 -16.21
CA ALA A 7 -6.37 -12.42 -15.14
C ALA A 7 -7.70 -13.08 -14.81
N GLU A 8 -8.50 -13.37 -15.85
CA GLU A 8 -9.85 -13.90 -15.68
C GLU A 8 -9.91 -15.25 -14.98
N GLU A 9 -8.86 -16.05 -15.16
CA GLU A 9 -8.79 -17.37 -14.54
C GLU A 9 -8.56 -17.27 -13.03
N LYS A 10 -8.23 -16.07 -12.56
CA LYS A 10 -7.89 -15.87 -11.15
C LYS A 10 -9.06 -15.30 -10.35
N ALA A 11 -10.23 -15.18 -10.98
CA ALA A 11 -11.44 -14.86 -10.23
C ALA A 11 -11.75 -16.02 -9.29
N LYS A 12 -11.23 -17.21 -9.62
CA LYS A 12 -11.43 -18.37 -8.77
C LYS A 12 -10.49 -18.35 -7.58
N ALA A 13 -9.33 -17.72 -7.75
CA ALA A 13 -8.35 -17.66 -6.67
C ALA A 13 -8.82 -16.76 -5.53
N VAL A 14 -9.61 -15.74 -5.85
CA VAL A 14 -9.94 -14.68 -4.89
C VAL A 14 -10.57 -15.19 -3.60
N PRO A 15 -11.60 -16.04 -3.69
CA PRO A 15 -12.20 -16.54 -2.44
C PRO A 15 -11.21 -17.31 -1.57
N LEU A 16 -10.31 -18.08 -2.17
CA LEU A 16 -9.31 -18.83 -1.40
C LEU A 16 -8.29 -17.91 -0.75
N ILE A 17 -7.91 -16.86 -1.46
CA ILE A 17 -6.97 -15.87 -0.93
C ILE A 17 -7.65 -15.13 0.22
N HIS A 18 -8.90 -14.75 0.01
CA HIS A 18 -9.73 -14.10 1.02
C HIS A 18 -9.74 -14.94 2.29
N GLN A 19 -10.03 -16.23 2.13
CA GLN A 19 -10.11 -17.14 3.27
C GLN A 19 -8.76 -17.29 3.99
N GLU A 20 -7.66 -17.35 3.24
CA GLU A 20 -6.36 -17.47 3.88
C GLU A 20 -5.99 -16.19 4.64
N GLY A 21 -6.34 -15.05 4.07
CA GLY A 21 -6.11 -13.78 4.74
C GLY A 21 -6.85 -13.74 6.06
N ASN A 22 -8.10 -14.17 6.05
CA ASN A 22 -8.89 -14.20 7.28
C ASN A 22 -8.24 -15.08 8.34
N ARG A 23 -7.77 -16.24 7.91
CA ARG A 23 -7.15 -17.20 8.83
C ARG A 23 -5.93 -16.58 9.48
N LEU A 24 -5.07 -16.00 8.64
CA LEU A 24 -3.87 -15.31 9.10
C LEU A 24 -4.20 -14.19 10.07
N TYR A 25 -5.21 -13.39 9.74
CA TYR A 25 -5.61 -12.26 10.57
C TYR A 25 -5.98 -12.73 11.98
N ARG A 26 -6.85 -13.72 12.04
CA ARG A 26 -7.36 -14.19 13.33
C ARG A 26 -6.29 -14.94 14.13
N GLU A 27 -5.32 -15.52 13.43
CA GLU A 27 -4.20 -16.17 14.09
C GLU A 27 -3.20 -15.15 14.65
N GLY A 28 -3.39 -13.87 14.30
CA GLY A 28 -2.49 -12.83 14.76
C GLY A 28 -1.43 -12.43 13.75
N HIS A 29 -1.38 -13.09 12.60
CA HIS A 29 -0.44 -12.74 11.54
C HIS A 29 -1.01 -11.63 10.67
N VAL A 30 -1.10 -10.43 11.24
CA VAL A 30 -1.78 -9.32 10.59
C VAL A 30 -1.04 -8.81 9.36
N LYS A 31 0.28 -8.67 9.45
N LYS A 31 0.28 -8.66 9.44
CA LYS A 31 1.07 -8.22 8.31
CA LYS A 31 1.05 -8.18 8.28
C LYS A 31 0.89 -9.13 7.10
C LYS A 31 0.91 -9.13 7.08
N GLU A 32 0.96 -10.43 7.34
CA GLU A 32 0.78 -11.42 6.28
C GLU A 32 -0.65 -11.41 5.74
N ALA A 33 -1.64 -11.23 6.62
CA ALA A 33 -3.05 -11.10 6.17
C ALA A 33 -3.23 -9.95 5.20
N ALA A 34 -2.61 -8.81 5.50
CA ALA A 34 -2.71 -7.63 4.66
C ALA A 34 -2.20 -7.93 3.25
N ALA A 35 -1.09 -8.67 3.17
CA ALA A 35 -0.52 -9.03 1.88
C ALA A 35 -1.50 -9.89 1.10
N LYS A 36 -2.15 -10.83 1.79
CA LYS A 36 -3.19 -11.64 1.17
C LYS A 36 -4.35 -10.78 0.64
N TYR A 37 -4.89 -9.92 1.49
CA TYR A 37 -5.98 -9.05 1.04
C TYR A 37 -5.57 -8.21 -0.17
N TYR A 38 -4.34 -7.68 -0.12
CA TYR A 38 -3.83 -6.83 -1.20
C TYR A 38 -3.84 -7.60 -2.52
N ASP A 39 -3.42 -8.87 -2.49
CA ASP A 39 -3.37 -9.68 -3.69
C ASP A 39 -4.77 -10.00 -4.21
N ALA A 40 -5.70 -10.28 -3.31
CA ALA A 40 -7.09 -10.55 -3.70
C ALA A 40 -7.71 -9.33 -4.40
N ILE A 41 -7.53 -8.16 -3.79
CA ILE A 41 -8.00 -6.90 -4.36
C ILE A 41 -7.36 -6.63 -5.72
N ALA A 42 -6.05 -6.89 -5.84
CA ALA A 42 -5.36 -6.67 -7.11
C ALA A 42 -5.98 -7.51 -8.23
N CYS A 43 -6.33 -8.75 -7.92
N CYS A 43 -6.37 -8.73 -7.89
CA CYS A 43 -7.00 -9.62 -8.88
CA CYS A 43 -6.99 -9.63 -8.86
C CYS A 43 -8.28 -8.97 -9.34
C CYS A 43 -8.33 -9.10 -9.32
N LEU A 44 -9.13 -8.58 -8.39
CA LEU A 44 -10.42 -7.98 -8.72
C LEU A 44 -10.27 -6.66 -9.48
N LYS A 45 -9.26 -5.88 -9.15
CA LYS A 45 -9.02 -4.62 -9.86
C LYS A 45 -8.63 -4.86 -11.31
N ASN A 46 -7.83 -5.89 -11.54
CA ASN A 46 -7.41 -6.26 -12.88
C ASN A 46 -8.61 -6.67 -13.71
N LEU A 47 -9.52 -7.42 -13.11
CA LEU A 47 -10.76 -7.77 -13.77
C LEU A 47 -11.62 -6.52 -14.02
N GLN A 48 -11.65 -5.63 -13.04
CA GLN A 48 -12.50 -4.43 -13.13
C GLN A 48 -12.04 -3.47 -14.23
N MET A 49 -10.72 -3.47 -14.50
CA MET A 49 -10.16 -2.58 -15.53
C MET A 49 -10.68 -2.93 -16.92
N LYS A 50 -11.14 -4.17 -17.08
CA LYS A 50 -11.66 -4.63 -18.35
C LYS A 50 -13.13 -4.25 -18.54
N GLU A 51 -13.74 -3.71 -17.48
CA GLU A 51 -15.17 -3.38 -17.52
C GLU A 51 -15.33 -1.88 -17.60
N GLN A 52 -16.44 -1.44 -18.18
CA GLN A 52 -16.71 -0.02 -18.24
C GLN A 52 -17.16 0.49 -16.89
N PRO A 53 -16.52 1.57 -16.39
CA PRO A 53 -16.94 2.16 -15.13
C PRO A 53 -18.44 2.45 -15.12
N GLY A 54 -19.12 2.01 -14.07
CA GLY A 54 -20.53 2.32 -13.91
C GLY A 54 -21.44 1.25 -14.48
N SER A 55 -20.84 0.26 -15.14
CA SER A 55 -21.60 -0.87 -15.67
C SER A 55 -21.91 -1.86 -14.55
N PRO A 56 -22.92 -2.73 -14.75
CA PRO A 56 -23.24 -3.75 -13.75
C PRO A 56 -22.04 -4.61 -13.36
N GLU A 57 -21.25 -5.07 -14.31
CA GLU A 57 -20.11 -5.94 -14.00
C GLU A 57 -19.01 -5.18 -13.24
N TRP A 58 -18.78 -3.93 -13.62
CA TRP A 58 -17.84 -3.07 -12.91
C TRP A 58 -18.29 -2.90 -11.46
N ILE A 59 -19.58 -2.63 -11.29
CA ILE A 59 -20.16 -2.40 -9.97
C ILE A 59 -20.12 -3.67 -9.12
N GLN A 60 -20.41 -4.82 -9.71
CA GLN A 60 -20.36 -6.06 -8.96
C GLN A 60 -18.94 -6.30 -8.39
N LEU A 61 -17.93 -6.13 -9.25
CA LEU A 61 -16.55 -6.28 -8.81
C LEU A 61 -16.21 -5.24 -7.76
N ASP A 62 -16.73 -4.03 -7.93
CA ASP A 62 -16.46 -2.95 -6.97
C ASP A 62 -17.00 -3.38 -5.60
N GLN A 63 -18.13 -4.08 -5.62
CA GLN A 63 -18.75 -4.50 -4.38
C GLN A 63 -18.06 -5.71 -3.75
N GLN A 64 -17.44 -6.56 -4.58
N GLN A 64 -17.45 -6.57 -4.57
CA GLN A 64 -16.60 -7.65 -4.09
CA GLN A 64 -16.60 -7.64 -4.05
C GLN A 64 -15.29 -7.12 -3.50
C GLN A 64 -15.37 -7.03 -3.39
N ILE A 65 -14.86 -5.96 -3.97
CA ILE A 65 -13.64 -5.34 -3.48
C ILE A 65 -13.84 -4.76 -2.07
N THR A 66 -15.01 -4.17 -1.85
CA THR A 66 -15.25 -3.40 -0.63
C THR A 66 -14.86 -4.09 0.69
N PRO A 67 -15.39 -5.30 0.96
CA PRO A 67 -15.06 -5.94 2.24
C PRO A 67 -13.60 -6.37 2.32
N LEU A 68 -13.01 -6.74 1.18
CA LEU A 68 -11.59 -7.07 1.16
C LEU A 68 -10.75 -5.83 1.44
N LEU A 69 -11.14 -4.70 0.86
CA LEU A 69 -10.44 -3.45 1.11
C LEU A 69 -10.60 -2.99 2.57
N LEU A 70 -11.78 -3.20 3.14
CA LEU A 70 -11.98 -2.90 4.57
C LEU A 70 -11.14 -3.86 5.46
N ASN A 71 -11.06 -5.13 5.08
CA ASN A 71 -10.16 -6.06 5.78
C ASN A 71 -8.72 -5.56 5.76
N TYR A 72 -8.27 -5.18 4.57
CA TYR A 72 -6.95 -4.57 4.39
C TYR A 72 -6.81 -3.34 5.29
N CYS A 73 -7.82 -2.48 5.32
CA CYS A 73 -7.75 -1.30 6.19
C CYS A 73 -7.66 -1.71 7.66
N GLN A 74 -8.38 -2.75 8.04
CA GLN A 74 -8.35 -3.26 9.41
C GLN A 74 -6.91 -3.68 9.76
N CYS A 75 -6.22 -4.35 8.84
CA CYS A 75 -4.83 -4.71 9.08
C CYS A 75 -3.97 -3.46 9.27
N LYS A 76 -4.23 -2.43 8.46
CA LYS A 76 -3.46 -1.19 8.54
C LYS A 76 -3.70 -0.48 9.87
N LEU A 77 -4.93 -0.52 10.36
CA LEU A 77 -5.21 0.01 11.69
C LEU A 77 -4.32 -0.67 12.74
N VAL A 78 -4.29 -2.00 12.71
CA VAL A 78 -3.49 -2.75 13.69
C VAL A 78 -1.99 -2.38 13.63
N VAL A 79 -1.44 -2.22 12.44
CA VAL A 79 -0.02 -1.88 12.32
C VAL A 79 0.24 -0.37 12.37
N GLU A 80 -0.82 0.37 12.72
CA GLU A 80 -0.74 1.81 12.99
C GLU A 80 -0.30 2.63 11.78
N GLU A 81 -0.86 2.28 10.62
CA GLU A 81 -0.64 3.06 9.40
C GLU A 81 -1.99 3.65 9.01
N TYR A 82 -2.16 4.94 9.20
CA TYR A 82 -3.48 5.55 9.10
C TYR A 82 -3.78 6.23 7.76
N TYR A 83 -2.74 6.68 7.07
CA TYR A 83 -2.95 7.44 5.83
C TYR A 83 -3.71 6.65 4.76
N GLU A 84 -3.41 5.38 4.58
CA GLU A 84 -4.14 4.61 3.56
C GLU A 84 -5.55 4.26 4.01
N VAL A 85 -5.73 4.01 5.30
CA VAL A 85 -7.06 3.75 5.82
C VAL A 85 -7.99 4.92 5.49
N LEU A 86 -7.53 6.13 5.79
CA LEU A 86 -8.31 7.34 5.53
C LEU A 86 -8.67 7.44 4.06
N ASP A 87 -7.70 7.19 3.19
CA ASP A 87 -7.96 7.30 1.75
C ASP A 87 -8.87 6.19 1.23
N HIS A 88 -8.60 4.95 1.61
CA HIS A 88 -9.40 3.84 1.10
C HIS A 88 -10.83 3.90 1.67
N CYS A 89 -10.95 4.21 2.96
CA CYS A 89 -12.27 4.37 3.52
C CYS A 89 -13.02 5.52 2.83
N SER A 90 -12.31 6.62 2.56
CA SER A 90 -12.96 7.78 1.93
C SER A 90 -13.43 7.43 0.52
N SER A 91 -12.63 6.63 -0.19
N SER A 91 -12.62 6.65 -0.19
CA SER A 91 -12.99 6.20 -1.53
CA SER A 91 -13.00 6.21 -1.53
C SER A 91 -14.23 5.31 -1.52
C SER A 91 -14.26 5.35 -1.48
N ILE A 92 -14.28 4.37 -0.58
CA ILE A 92 -15.45 3.53 -0.39
C ILE A 92 -16.69 4.37 -0.06
N LEU A 93 -16.54 5.30 0.87
CA LEU A 93 -17.69 6.08 1.38
C LEU A 93 -18.18 7.10 0.36
N ASN A 94 -17.30 7.57 -0.50
N ASN A 94 -17.28 7.60 -0.48
CA ASN A 94 -17.68 8.49 -1.57
CA ASN A 94 -17.68 8.46 -1.58
C ASN A 94 -18.55 7.82 -2.64
C ASN A 94 -18.73 7.78 -2.45
N LYS A 95 -18.55 6.49 -2.65
CA LYS A 95 -19.43 5.72 -3.53
C LYS A 95 -20.59 5.12 -2.78
N TYR A 96 -20.32 4.62 -1.57
CA TYR A 96 -21.29 3.88 -0.80
C TYR A 96 -21.38 4.51 0.60
N ASP A 97 -22.21 5.55 0.73
CA ASP A 97 -22.20 6.36 1.93
C ASP A 97 -23.04 5.77 3.08
N ASP A 98 -23.46 4.52 2.90
CA ASP A 98 -24.12 3.78 3.97
C ASP A 98 -23.25 2.65 4.52
N ASN A 99 -21.96 2.67 4.19
CA ASN A 99 -21.09 1.58 4.64
C ASN A 99 -20.62 1.81 6.08
N VAL A 100 -21.26 1.11 7.01
CA VAL A 100 -20.98 1.30 8.43
C VAL A 100 -19.52 1.04 8.79
N LYS A 101 -18.98 -0.08 8.30
N LYS A 101 -18.98 -0.08 8.30
CA LYS A 101 -17.62 -0.46 8.62
CA LYS A 101 -17.62 -0.45 8.63
C LYS A 101 -16.59 0.57 8.15
C LYS A 101 -16.59 0.58 8.16
N ALA A 102 -16.84 1.17 6.99
CA ALA A 102 -15.94 2.19 6.47
C ALA A 102 -15.94 3.45 7.34
N TYR A 103 -17.12 3.89 7.77
CA TYR A 103 -17.20 5.01 8.70
C TYR A 103 -16.47 4.74 10.01
N PHE A 104 -16.64 3.55 10.53
CA PHE A 104 -16.00 3.18 11.78
C PHE A 104 -14.47 3.15 11.70
N LYS A 105 -13.94 2.44 10.70
CA LYS A 105 -12.50 2.41 10.51
C LYS A 105 -11.91 3.79 10.21
N ARG A 106 -12.58 4.57 9.36
CA ARG A 106 -12.07 5.91 9.12
C ARG A 106 -12.06 6.73 10.42
N GLY A 107 -13.09 6.59 11.23
CA GLY A 107 -13.16 7.26 12.51
C GLY A 107 -12.05 6.85 13.46
N LYS A 108 -11.78 5.55 13.54
CA LYS A 108 -10.63 5.07 14.30
C LYS A 108 -9.33 5.72 13.84
N ALA A 109 -9.16 5.84 12.53
CA ALA A 109 -7.93 6.39 11.99
C ALA A 109 -7.84 7.89 12.24
N HIS A 110 -8.96 8.59 12.03
CA HIS A 110 -9.03 10.01 12.39
C HIS A 110 -8.67 10.20 13.88
N ALA A 111 -9.26 9.38 14.74
CA ALA A 111 -9.00 9.50 16.18
C ALA A 111 -7.53 9.24 16.50
N ALA A 112 -6.94 8.28 15.81
CA ALA A 112 -5.54 7.91 16.06
C ALA A 112 -4.52 8.95 15.60
N VAL A 113 -4.91 9.79 14.65
CA VAL A 113 -4.04 10.87 14.17
C VAL A 113 -4.45 12.24 14.73
N TRP A 114 -5.28 12.22 15.78
CA TRP A 114 -5.69 13.43 16.48
C TRP A 114 -6.58 14.35 15.63
N ASN A 115 -7.33 13.77 14.71
CA ASN A 115 -8.39 14.49 14.03
C ASN A 115 -9.69 14.28 14.79
N ALA A 116 -9.77 14.84 15.99
CA ALA A 116 -10.91 14.59 16.89
C ALA A 116 -12.26 14.92 16.28
N GLN A 117 -12.33 16.01 15.51
CA GLN A 117 -13.59 16.44 14.91
C GLN A 117 -14.06 15.54 13.76
N GLU A 118 -13.13 15.10 12.92
CA GLU A 118 -13.46 14.18 11.84
C GLU A 118 -13.87 12.80 12.40
N ALA A 119 -13.21 12.40 13.48
CA ALA A 119 -13.56 11.14 14.15
C ALA A 119 -15.00 11.18 14.67
N GLN A 120 -15.33 12.24 15.40
CA GLN A 120 -16.67 12.38 15.96
C GLN A 120 -17.72 12.35 14.86
N ALA A 121 -17.42 12.99 13.73
CA ALA A 121 -18.33 13.02 12.59
C ALA A 121 -18.57 11.62 12.03
N ASP A 122 -17.48 10.88 11.83
CA ASP A 122 -17.57 9.50 11.36
C ASP A 122 -18.28 8.60 12.35
N PHE A 123 -17.93 8.73 13.63
CA PHE A 123 -18.60 7.92 14.65
C PHE A 123 -20.10 8.24 14.76
N ALA A 124 -20.48 9.49 14.49
CA ALA A 124 -21.89 9.87 14.46
C ALA A 124 -22.61 9.15 13.33
N LYS A 125 -21.94 9.06 12.18
CA LYS A 125 -22.50 8.32 11.05
C LYS A 125 -22.64 6.83 11.35
N VAL A 126 -21.68 6.27 12.09
CA VAL A 126 -21.81 4.87 12.47
C VAL A 126 -23.09 4.74 13.29
N LEU A 127 -23.21 5.59 14.29
CA LEU A 127 -24.34 5.59 15.20
C LEU A 127 -25.63 5.69 14.41
N GLU A 128 -25.66 6.61 13.45
CA GLU A 128 -26.84 6.84 12.66
C GLU A 128 -27.31 5.59 11.91
N LEU A 129 -26.35 4.84 11.40
CA LEU A 129 -26.64 3.75 10.46
C LEU A 129 -26.80 2.38 11.11
N ASP A 130 -26.15 2.18 12.25
CA ASP A 130 -26.28 0.92 12.97
C ASP A 130 -26.28 1.17 14.46
N PRO A 131 -27.48 1.41 15.03
CA PRO A 131 -27.63 1.80 16.44
C PRO A 131 -27.13 0.74 17.42
N ALA A 132 -27.08 -0.51 16.99
CA ALA A 132 -26.54 -1.58 17.83
C ALA A 132 -25.09 -1.33 18.22
N LEU A 133 -24.39 -0.48 17.47
CA LEU A 133 -23.00 -0.17 17.75
C LEU A 133 -22.84 0.96 18.76
N ALA A 134 -23.94 1.40 19.35
CA ALA A 134 -23.91 2.48 20.32
C ALA A 134 -22.90 2.26 21.46
N PRO A 135 -22.84 1.04 22.01
CA PRO A 135 -21.86 0.79 23.09
C PRO A 135 -20.42 1.13 22.63
N VAL A 136 -20.04 0.64 21.47
CA VAL A 136 -18.70 0.87 20.95
C VAL A 136 -18.47 2.35 20.68
N VAL A 137 -19.42 2.95 19.97
CA VAL A 137 -19.30 4.36 19.63
C VAL A 137 -19.16 5.20 20.89
N SER A 138 -20.02 4.93 21.88
CA SER A 138 -19.93 5.65 23.16
C SER A 138 -18.52 5.56 23.71
N ARG A 139 -17.96 4.35 23.64
CA ARG A 139 -16.61 4.12 24.11
C ARG A 139 -15.59 4.96 23.34
N GLU A 140 -15.66 4.93 22.01
CA GLU A 140 -14.77 5.75 21.19
C GLU A 140 -14.93 7.23 21.50
N LEU A 141 -16.16 7.65 21.74
CA LEU A 141 -16.44 9.05 21.99
C LEU A 141 -15.88 9.45 23.35
N GLN A 142 -16.13 8.61 24.35
CA GLN A 142 -15.59 8.83 25.69
C GLN A 142 -14.06 8.92 25.65
N ALA A 143 -13.43 8.09 24.83
CA ALA A 143 -11.97 8.10 24.76
C ALA A 143 -11.45 9.38 24.08
N LEU A 144 -12.18 9.88 23.09
CA LEU A 144 -11.84 11.14 22.45
C LEU A 144 -11.95 12.29 23.45
N GLU A 145 -13.04 12.30 24.21
CA GLU A 145 -13.30 13.35 25.16
C GLU A 145 -12.25 13.35 26.25
N ALA A 146 -11.75 12.17 26.57
CA ALA A 146 -10.71 12.02 27.59
C ALA A 146 -9.43 12.76 27.20
N ARG A 147 -9.14 12.79 25.90
CA ARG A 147 -7.95 13.48 25.42
C ARG A 147 -8.24 14.94 25.08
N ILE A 148 -9.38 15.44 25.53
CA ILE A 148 -9.73 16.84 25.36
C ILE A 148 -9.56 17.61 26.66
N ALA B 7 -5.44 24.12 -3.37
CA ALA B 7 -5.25 23.06 -4.35
C ALA B 7 -3.92 23.18 -5.10
N GLU B 8 -3.94 23.91 -6.22
CA GLU B 8 -2.74 24.12 -7.01
C GLU B 8 -1.75 24.95 -6.22
N GLU B 9 -2.28 25.73 -5.28
CA GLU B 9 -1.48 26.58 -4.41
C GLU B 9 -0.97 25.77 -3.23
N LYS B 10 -1.62 24.63 -3.00
CA LYS B 10 -1.26 23.73 -1.92
C LYS B 10 -0.07 22.87 -2.36
N ALA B 11 0.22 22.88 -3.65
CA ALA B 11 1.29 22.08 -4.22
C ALA B 11 2.68 22.64 -3.94
N LYS B 12 2.74 23.92 -3.58
CA LYS B 12 4.02 24.52 -3.22
C LYS B 12 4.55 23.88 -1.93
N ALA B 13 3.68 23.15 -1.24
CA ALA B 13 4.07 22.48 -0.01
C ALA B 13 4.93 21.24 -0.25
N VAL B 14 4.87 20.69 -1.46
CA VAL B 14 5.56 19.42 -1.76
C VAL B 14 7.03 19.37 -1.31
N PRO B 15 7.85 20.36 -1.71
CA PRO B 15 9.26 20.35 -1.33
C PRO B 15 9.47 20.38 0.18
N LEU B 16 8.59 21.05 0.91
CA LEU B 16 8.70 21.11 2.36
C LEU B 16 8.31 19.77 3.00
N ILE B 17 7.27 19.13 2.46
CA ILE B 17 6.85 17.80 2.92
C ILE B 17 7.97 16.81 2.62
N HIS B 18 8.50 16.91 1.40
CA HIS B 18 9.61 16.08 0.95
C HIS B 18 10.80 16.20 1.89
N GLN B 19 11.14 17.43 2.23
CA GLN B 19 12.29 17.70 3.08
C GLN B 19 12.10 17.11 4.48
N GLU B 20 10.88 17.21 5.00
CA GLU B 20 10.62 16.66 6.34
C GLU B 20 10.63 15.15 6.31
N GLY B 21 10.09 14.56 5.24
CA GLY B 21 10.15 13.13 5.04
C GLY B 21 11.59 12.64 5.10
N ASN B 22 12.48 13.27 4.33
CA ASN B 22 13.89 12.90 4.31
C ASN B 22 14.57 12.96 5.68
N ARG B 23 14.27 14.01 6.45
CA ARG B 23 14.90 14.15 7.76
C ARG B 23 14.41 13.05 8.69
N LEU B 24 13.10 12.81 8.65
CA LEU B 24 12.48 11.74 9.42
C LEU B 24 13.09 10.39 9.05
N TYR B 25 13.22 10.13 7.75
CA TYR B 25 13.77 8.85 7.31
C TYR B 25 15.18 8.66 7.91
N ARG B 26 15.99 9.69 7.80
CA ARG B 26 17.38 9.59 8.22
C ARG B 26 17.52 9.51 9.74
N GLU B 27 16.49 9.98 10.46
CA GLU B 27 16.46 9.87 11.91
C GLU B 27 16.08 8.47 12.37
N GLY B 28 15.51 7.71 11.45
CA GLY B 28 15.04 6.37 11.74
C GLY B 28 13.54 6.33 11.95
N HIS B 29 12.89 7.47 11.79
CA HIS B 29 11.43 7.54 11.88
C HIS B 29 10.84 7.21 10.52
N VAL B 30 11.01 5.95 10.13
CA VAL B 30 10.68 5.51 8.79
C VAL B 30 9.18 5.43 8.52
N LYS B 31 8.40 4.95 9.49
CA LYS B 31 6.96 4.89 9.29
C LYS B 31 6.36 6.28 9.10
N GLU B 32 6.89 7.25 9.83
CA GLU B 32 6.40 8.63 9.71
C GLU B 32 6.90 9.26 8.41
N ALA B 33 8.14 8.94 8.03
CA ALA B 33 8.63 9.36 6.72
C ALA B 33 7.70 8.89 5.60
N ALA B 34 7.29 7.63 5.65
CA ALA B 34 6.38 7.08 4.62
C ALA B 34 5.12 7.93 4.49
N ALA B 35 4.52 8.31 5.61
CA ALA B 35 3.32 9.13 5.58
C ALA B 35 3.55 10.46 4.86
N LYS B 36 4.72 11.06 5.08
CA LYS B 36 5.07 12.32 4.39
C LYS B 36 5.19 12.12 2.88
N TYR B 37 5.95 11.12 2.46
CA TYR B 37 6.09 10.82 1.03
C TYR B 37 4.74 10.57 0.38
N TYR B 38 3.91 9.82 1.09
CA TYR B 38 2.57 9.50 0.62
C TYR B 38 1.77 10.79 0.40
N ASP B 39 1.83 11.70 1.37
CA ASP B 39 1.11 12.98 1.26
C ASP B 39 1.64 13.81 0.08
N ALA B 40 2.96 13.83 -0.08
CA ALA B 40 3.60 14.56 -1.17
C ALA B 40 3.16 14.00 -2.53
N ILE B 41 3.19 12.69 -2.66
CA ILE B 41 2.75 12.03 -3.87
C ILE B 41 1.27 12.30 -4.14
N ALA B 42 0.45 12.30 -3.09
CA ALA B 42 -0.97 12.57 -3.28
C ALA B 42 -1.23 13.96 -3.87
N CYS B 43 -0.50 14.97 -3.38
CA CYS B 43 -0.56 16.33 -3.91
C CYS B 43 -0.22 16.36 -5.39
N LEU B 44 0.89 15.73 -5.74
CA LEU B 44 1.30 15.66 -7.13
C LEU B 44 0.30 14.91 -8.02
N LYS B 45 -0.27 13.83 -7.52
CA LYS B 45 -1.23 13.08 -8.30
C LYS B 45 -2.52 13.88 -8.55
N ASN B 46 -2.95 14.63 -7.57
CA ASN B 46 -4.14 15.46 -7.75
C ASN B 46 -3.93 16.56 -8.79
N LEU B 47 -2.73 17.12 -8.83
CA LEU B 47 -2.38 18.09 -9.87
C LEU B 47 -2.35 17.39 -11.24
N GLN B 48 -1.80 16.19 -11.27
CA GLN B 48 -1.63 15.47 -12.51
C GLN B 48 -2.97 15.01 -13.07
N MET B 49 -3.92 14.76 -12.18
CA MET B 49 -5.22 14.26 -12.60
C MET B 49 -5.93 15.31 -13.44
N LYS B 50 -5.54 16.58 -13.25
CA LYS B 50 -6.12 17.69 -13.97
C LYS B 50 -5.44 17.92 -15.32
N GLU B 51 -4.40 17.15 -15.61
CA GLU B 51 -3.69 17.28 -16.88
C GLU B 51 -4.03 16.13 -17.81
N GLN B 52 -3.91 16.36 -19.11
CA GLN B 52 -4.13 15.28 -20.06
C GLN B 52 -2.94 14.35 -20.06
N PRO B 53 -3.19 13.05 -19.87
CA PRO B 53 -2.07 12.09 -19.84
C PRO B 53 -1.25 12.24 -21.11
N GLY B 54 0.07 12.27 -20.95
CA GLY B 54 0.97 12.30 -22.08
C GLY B 54 1.33 13.71 -22.50
N SER B 55 0.75 14.70 -21.84
CA SER B 55 1.09 16.09 -22.12
C SER B 55 2.38 16.48 -21.39
N PRO B 56 3.03 17.57 -21.84
CA PRO B 56 4.26 18.00 -21.15
C PRO B 56 4.04 18.20 -19.64
N GLU B 57 2.93 18.82 -19.29
CA GLU B 57 2.66 19.09 -17.88
C GLU B 57 2.41 17.80 -17.07
N TRP B 58 1.73 16.83 -17.69
CA TRP B 58 1.45 15.55 -17.04
C TRP B 58 2.78 14.83 -16.81
N ILE B 59 3.65 14.88 -17.81
CA ILE B 59 4.94 14.22 -17.79
C ILE B 59 5.88 14.81 -16.74
N GLN B 60 5.92 16.14 -16.65
CA GLN B 60 6.75 16.82 -15.66
C GLN B 60 6.31 16.40 -14.26
N LEU B 61 5.00 16.38 -14.04
CA LEU B 61 4.50 15.91 -12.76
C LEU B 61 4.85 14.44 -12.53
N ASP B 62 4.75 13.63 -13.58
CA ASP B 62 5.05 12.20 -13.45
C ASP B 62 6.50 12.01 -12.98
N GLN B 63 7.40 12.79 -13.56
CA GLN B 63 8.83 12.72 -13.23
C GLN B 63 9.16 13.26 -11.84
N GLN B 64 8.39 14.24 -11.41
CA GLN B 64 8.49 14.75 -10.06
C GLN B 64 8.01 13.70 -9.05
N ILE B 65 7.02 12.91 -9.45
CA ILE B 65 6.52 11.83 -8.59
C ILE B 65 7.55 10.73 -8.36
N THR B 66 8.30 10.38 -9.40
CA THR B 66 9.14 9.19 -9.35
C THR B 66 10.04 9.05 -8.12
N PRO B 67 10.83 10.08 -7.79
CA PRO B 67 11.75 9.87 -6.66
C PRO B 67 11.03 9.86 -5.32
N LEU B 68 9.90 10.56 -5.24
CA LEU B 68 9.11 10.53 -4.02
C LEU B 68 8.49 9.15 -3.87
N LEU B 69 8.06 8.56 -4.98
CA LEU B 69 7.45 7.23 -4.91
C LEU B 69 8.51 6.18 -4.55
N LEU B 70 9.72 6.34 -5.08
CA LEU B 70 10.84 5.48 -4.72
C LEU B 70 11.25 5.65 -3.25
N ASN B 71 11.15 6.88 -2.74
CA ASN B 71 11.37 7.12 -1.31
C ASN B 71 10.36 6.38 -0.45
N TYR B 72 9.10 6.46 -0.86
CA TYR B 72 8.02 5.73 -0.21
C TYR B 72 8.34 4.23 -0.25
N CYS B 73 8.79 3.75 -1.41
CA CYS B 73 9.16 2.35 -1.55
C CYS B 73 10.30 1.95 -0.61
N GLN B 74 11.30 2.83 -0.48
CA GLN B 74 12.41 2.60 0.44
C GLN B 74 11.87 2.38 1.86
N CYS B 75 10.94 3.23 2.30
CA CYS B 75 10.26 3.07 3.58
C CYS B 75 9.58 1.71 3.69
N LYS B 76 8.87 1.30 2.65
CA LYS B 76 8.18 0.02 2.69
C LYS B 76 9.16 -1.15 2.82
N LEU B 77 10.31 -1.06 2.15
CA LEU B 77 11.33 -2.10 2.31
C LEU B 77 11.76 -2.23 3.76
N VAL B 78 12.03 -1.09 4.38
CA VAL B 78 12.50 -1.08 5.75
C VAL B 78 11.47 -1.69 6.71
N VAL B 79 10.19 -1.40 6.49
CA VAL B 79 9.15 -1.95 7.36
C VAL B 79 8.65 -3.31 6.87
N GLU B 80 9.39 -3.88 5.92
CA GLU B 80 9.18 -5.26 5.49
C GLU B 80 7.81 -5.48 4.86
N GLU B 81 7.36 -4.51 4.09
CA GLU B 81 6.13 -4.63 3.31
C GLU B 81 6.52 -4.59 1.84
N TYR B 82 6.41 -5.72 1.15
CA TYR B 82 7.03 -5.86 -0.18
C TYR B 82 6.06 -5.77 -1.34
N TYR B 83 4.79 -6.08 -1.08
CA TYR B 83 3.78 -6.09 -2.14
C TYR B 83 3.61 -4.75 -2.85
N GLU B 84 3.52 -3.63 -2.13
CA GLU B 84 3.42 -2.35 -2.83
C GLU B 84 4.74 -2.00 -3.50
N VAL B 85 5.87 -2.41 -2.91
CA VAL B 85 7.16 -2.08 -3.55
C VAL B 85 7.21 -2.70 -4.93
N LEU B 86 6.79 -3.95 -5.03
CA LEU B 86 6.78 -4.65 -6.31
C LEU B 86 5.90 -3.91 -7.33
N ASP B 87 4.72 -3.49 -6.92
CA ASP B 87 3.80 -2.82 -7.85
C ASP B 87 4.27 -1.42 -8.26
N HIS B 88 4.70 -0.62 -7.28
CA HIS B 88 5.15 0.73 -7.59
C HIS B 88 6.41 0.76 -8.42
N CYS B 89 7.38 -0.10 -8.09
CA CYS B 89 8.61 -0.14 -8.90
C CYS B 89 8.31 -0.61 -10.33
N SER B 90 7.41 -1.58 -10.46
CA SER B 90 7.03 -2.10 -11.78
C SER B 90 6.33 -1.02 -12.60
N SER B 91 5.48 -0.23 -11.94
CA SER B 91 4.82 0.90 -12.59
C SER B 91 5.85 1.91 -13.09
N ILE B 92 6.79 2.27 -12.22
CA ILE B 92 7.85 3.19 -12.63
C ILE B 92 8.63 2.64 -13.82
N LEU B 93 9.01 1.36 -13.74
CA LEU B 93 9.90 0.77 -14.73
C LEU B 93 9.20 0.51 -16.07
N ASN B 94 7.89 0.33 -16.04
N ASN B 94 7.89 0.32 -16.03
CA ASN B 94 7.11 0.19 -17.28
CA ASN B 94 7.08 0.23 -17.25
C ASN B 94 7.07 1.49 -18.10
C ASN B 94 7.27 1.47 -18.11
N LYS B 95 7.35 2.62 -17.45
CA LYS B 95 7.45 3.90 -18.13
C LYS B 95 8.89 4.30 -18.37
N TYR B 96 9.73 4.09 -17.36
CA TYR B 96 11.08 4.59 -17.37
C TYR B 96 12.02 3.42 -17.08
N ASP B 97 12.39 2.70 -18.12
CA ASP B 97 13.06 1.40 -17.97
C ASP B 97 14.57 1.49 -17.75
N ASP B 98 15.05 2.70 -17.45
CA ASP B 98 16.46 2.89 -17.10
C ASP B 98 16.61 3.44 -15.68
N ASN B 99 15.58 3.28 -14.84
CA ASN B 99 15.67 3.82 -13.49
C ASN B 99 16.37 2.82 -12.56
N VAL B 100 17.66 3.07 -12.30
CA VAL B 100 18.50 2.15 -11.54
C VAL B 100 17.92 1.90 -10.17
N LYS B 101 17.48 2.97 -9.51
CA LYS B 101 16.94 2.83 -8.16
C LYS B 101 15.70 1.93 -8.09
N ALA B 102 14.85 2.01 -9.12
CA ALA B 102 13.65 1.19 -9.17
C ALA B 102 14.00 -0.28 -9.33
N TYR B 103 14.93 -0.57 -10.24
CA TYR B 103 15.43 -1.94 -10.38
C TYR B 103 16.02 -2.45 -9.06
N PHE B 104 16.79 -1.61 -8.38
CA PHE B 104 17.41 -2.07 -7.15
C PHE B 104 16.39 -2.39 -6.06
N LYS B 105 15.45 -1.48 -5.83
CA LYS B 105 14.45 -1.68 -4.78
C LYS B 105 13.54 -2.84 -5.13
N ARG B 106 13.22 -3.00 -6.41
CA ARG B 106 12.41 -4.16 -6.78
C ARG B 106 13.18 -5.48 -6.60
N GLY B 107 14.48 -5.47 -6.90
CA GLY B 107 15.30 -6.64 -6.66
C GLY B 107 15.34 -7.05 -5.20
N LYS B 108 15.50 -6.06 -4.31
CA LYS B 108 15.46 -6.27 -2.87
C LYS B 108 14.14 -6.90 -2.42
N ALA B 109 13.04 -6.40 -2.95
CA ALA B 109 11.71 -6.86 -2.54
C ALA B 109 11.48 -8.27 -3.10
N HIS B 110 11.92 -8.50 -4.33
CA HIS B 110 11.84 -9.85 -4.91
C HIS B 110 12.60 -10.87 -4.07
N ALA B 111 13.80 -10.50 -3.64
CA ALA B 111 14.65 -11.39 -2.86
C ALA B 111 14.00 -11.69 -1.52
N ALA B 112 13.43 -10.65 -0.93
CA ALA B 112 12.79 -10.74 0.38
C ALA B 112 11.58 -11.66 0.39
N VAL B 113 10.87 -11.74 -0.74
CA VAL B 113 9.73 -12.65 -0.81
C VAL B 113 10.08 -13.95 -1.52
N TRP B 114 11.38 -14.19 -1.64
CA TRP B 114 11.93 -15.40 -2.22
C TRP B 114 11.58 -15.60 -3.70
N ASN B 115 11.46 -14.52 -4.45
CA ASN B 115 11.44 -14.61 -5.91
C ASN B 115 12.90 -14.51 -6.40
N ALA B 116 13.63 -15.62 -6.34
CA ALA B 116 15.07 -15.57 -6.61
C ALA B 116 15.39 -15.16 -8.05
N GLN B 117 14.68 -15.74 -9.00
CA GLN B 117 14.95 -15.48 -10.41
C GLN B 117 14.66 -14.04 -10.80
N GLU B 118 13.56 -13.50 -10.27
CA GLU B 118 13.20 -12.12 -10.53
C GLU B 118 14.19 -11.16 -9.87
N ALA B 119 14.64 -11.48 -8.67
CA ALA B 119 15.63 -10.64 -8.00
C ALA B 119 16.90 -10.54 -8.82
N GLN B 120 17.38 -11.68 -9.30
CA GLN B 120 18.62 -11.72 -10.05
C GLN B 120 18.50 -10.91 -11.31
N ALA B 121 17.34 -10.98 -11.95
CA ALA B 121 17.12 -10.22 -13.16
C ALA B 121 17.21 -8.72 -12.90
N ASP B 122 16.64 -8.25 -11.79
CA ASP B 122 16.65 -6.81 -11.50
C ASP B 122 18.06 -6.37 -11.09
N PHE B 123 18.73 -7.18 -10.28
CA PHE B 123 20.09 -6.88 -9.86
C PHE B 123 21.03 -6.86 -11.06
N ALA B 124 20.79 -7.76 -12.01
CA ALA B 124 21.58 -7.77 -13.23
C ALA B 124 21.36 -6.46 -13.99
N LYS B 125 20.11 -5.98 -14.02
CA LYS B 125 19.81 -4.71 -14.68
C LYS B 125 20.54 -3.55 -14.01
N VAL B 126 20.53 -3.53 -12.68
CA VAL B 126 21.21 -2.49 -11.92
C VAL B 126 22.69 -2.39 -12.35
N LEU B 127 23.36 -3.53 -12.46
CA LEU B 127 24.78 -3.56 -12.81
C LEU B 127 24.98 -3.12 -14.25
N GLU B 128 24.11 -3.58 -15.14
CA GLU B 128 24.18 -3.13 -16.51
C GLU B 128 24.10 -1.62 -16.63
N LEU B 129 23.19 -0.99 -15.90
CA LEU B 129 22.98 0.45 -16.00
C LEU B 129 23.96 1.27 -15.17
N ASP B 130 24.48 0.68 -14.11
CA ASP B 130 25.39 1.40 -13.20
C ASP B 130 26.38 0.43 -12.56
N PRO B 131 27.48 0.11 -13.27
CA PRO B 131 28.45 -0.87 -12.78
C PRO B 131 29.12 -0.45 -11.47
N ALA B 132 29.11 0.86 -11.19
CA ALA B 132 29.68 1.38 -9.96
C ALA B 132 29.04 0.75 -8.72
N LEU B 133 27.85 0.16 -8.87
CA LEU B 133 27.14 -0.40 -7.73
C LEU B 133 27.54 -1.84 -7.42
N ALA B 134 28.51 -2.37 -8.18
CA ALA B 134 28.96 -3.75 -8.03
C ALA B 134 29.19 -4.22 -6.57
N PRO B 135 29.95 -3.45 -5.77
CA PRO B 135 30.13 -3.93 -4.39
C PRO B 135 28.82 -4.11 -3.61
N VAL B 136 27.90 -3.15 -3.70
CA VAL B 136 26.64 -3.24 -2.97
C VAL B 136 25.74 -4.35 -3.53
N VAL B 137 25.70 -4.47 -4.85
CA VAL B 137 24.93 -5.53 -5.48
C VAL B 137 25.50 -6.91 -5.16
N SER B 138 26.82 -7.02 -5.16
CA SER B 138 27.47 -8.31 -4.91
C SER B 138 27.03 -8.85 -3.57
N ARG B 139 26.87 -7.98 -2.58
CA ARG B 139 26.39 -8.43 -1.28
C ARG B 139 24.97 -9.00 -1.35
N GLU B 140 24.10 -8.36 -2.11
CA GLU B 140 22.73 -8.84 -2.23
C GLU B 140 22.71 -10.15 -2.96
N LEU B 141 23.51 -10.25 -4.02
CA LEU B 141 23.54 -11.44 -4.84
C LEU B 141 24.17 -12.61 -4.08
N GLN B 142 25.17 -12.31 -3.26
CA GLN B 142 25.77 -13.34 -2.41
C GLN B 142 24.72 -14.00 -1.50
N ALA B 143 23.92 -13.20 -0.81
CA ALA B 143 22.84 -13.73 0.03
C ALA B 143 21.88 -14.60 -0.80
N LEU B 144 21.46 -14.06 -1.94
CA LEU B 144 20.55 -14.75 -2.83
C LEU B 144 21.09 -16.12 -3.24
N GLU B 145 22.37 -16.16 -3.57
CA GLU B 145 23.02 -17.40 -3.99
C GLU B 145 23.00 -18.40 -2.83
N ALA B 146 23.23 -17.92 -1.62
CA ALA B 146 23.12 -18.77 -0.45
C ALA B 146 21.71 -19.36 -0.31
N ARG B 147 20.68 -18.53 -0.46
CA ARG B 147 19.31 -19.05 -0.39
C ARG B 147 19.00 -20.02 -1.53
N ILE B 148 19.54 -19.78 -2.71
CA ILE B 148 19.27 -20.66 -3.83
C ILE B 148 19.90 -22.02 -3.53
N ARG B 149 21.12 -21.98 -3.02
CA ARG B 149 21.83 -23.19 -2.61
C ARG B 149 21.08 -23.95 -1.52
N GLN B 150 20.62 -23.22 -0.50
CA GLN B 150 19.91 -23.85 0.61
C GLN B 150 18.63 -24.55 0.14
N LYS B 151 17.88 -23.91 -0.74
CA LYS B 151 16.68 -24.52 -1.29
C LYS B 151 17.02 -25.79 -2.08
N ASP B 152 18.11 -25.74 -2.85
CA ASP B 152 18.56 -26.91 -3.58
C ASP B 152 18.93 -28.04 -2.61
N GLU B 153 19.70 -27.69 -1.58
CA GLU B 153 20.06 -28.65 -0.55
C GLU B 153 18.81 -29.32 0.01
N GLU B 154 17.81 -28.51 0.33
CA GLU B 154 16.56 -28.99 0.91
C GLU B 154 15.76 -29.84 -0.08
N ASP B 155 15.82 -29.46 -1.35
CA ASP B 155 15.18 -30.24 -2.39
C ASP B 155 15.79 -31.65 -2.40
N LYS B 156 17.12 -31.72 -2.47
CA LYS B 156 17.83 -32.99 -2.48
C LYS B 156 17.54 -33.81 -1.24
N ALA B 157 17.40 -33.14 -0.10
CA ALA B 157 17.06 -33.82 1.14
C ALA B 157 15.70 -34.53 1.02
N ARG B 158 14.78 -33.93 0.27
CA ARG B 158 13.46 -34.49 0.08
C ARG B 158 13.51 -35.79 -0.73
N PHE B 159 14.30 -35.78 -1.82
CA PHE B 159 14.49 -36.97 -2.63
C PHE B 159 15.01 -38.15 -1.80
N ARG B 160 15.94 -37.86 -0.90
CA ARG B 160 16.52 -38.89 -0.06
C ARG B 160 15.44 -39.54 0.81
N ALA C 1 23.61 6.66 -1.23
CA ALA C 1 23.44 5.24 -0.94
C ALA C 1 22.09 4.75 -1.47
N GLU C 2 22.07 3.49 -1.92
CA GLU C 2 20.85 2.92 -2.48
C GLU C 2 19.78 2.68 -1.41
N ASP C 3 20.18 2.72 -0.14
CA ASP C 3 19.19 2.56 0.93
C ASP C 3 18.93 3.90 1.64
N ASP C 4 19.28 4.99 0.97
CA ASP C 4 18.98 6.32 1.44
C ASP C 4 17.75 6.78 0.66
N VAL C 5 17.36 8.03 0.86
CA VAL C 5 16.25 8.60 0.12
C VAL C 5 16.76 9.78 -0.72
N GLU C 6 16.05 10.08 -1.80
CA GLU C 6 16.45 11.15 -2.71
C GLU C 6 15.77 12.45 -2.32
N ALA D 1 -17.59 -8.72 15.08
CA ALA D 1 -16.96 -7.60 15.77
C ALA D 1 -16.38 -6.59 14.79
N GLU D 2 -16.36 -5.33 15.18
CA GLU D 2 -15.83 -4.27 14.34
C GLU D 2 -14.31 -4.34 14.14
N ASP D 3 -13.61 -5.07 15.00
CA ASP D 3 -12.18 -5.25 14.79
C ASP D 3 -11.85 -6.64 14.24
N ASP D 4 -12.87 -7.34 13.78
CA ASP D 4 -12.67 -8.59 13.06
C ASP D 4 -12.57 -8.30 11.56
N VAL D 5 -12.48 -9.36 10.78
CA VAL D 5 -12.48 -9.23 9.33
C VAL D 5 -13.71 -9.93 8.73
N GLU D 6 -14.18 -9.43 7.58
CA GLU D 6 -15.34 -10.01 6.91
C GLU D 6 -14.88 -11.11 5.98
#